data_6YNV
#
_entry.id   6YNV
#
_cell.length_a   1.00
_cell.length_b   1.00
_cell.length_c   1.00
_cell.angle_alpha   90.00
_cell.angle_beta   90.00
_cell.angle_gamma   90.00
#
_symmetry.space_group_name_H-M   'P 1'
#
loop_
_entity.id
_entity.type
_entity.pdbx_description
1 polymer ATPTT1
2 non-polymer NICOTINAMIDE-ADENINE-DINUCLEOTIDE
#
_entity_poly.entity_id   1
_entity_poly.type   'polypeptide(L)'
_entity_poly.pdbx_seq_one_letter_code
;MIHCLRNIRTVSALQSKISYNLGGGNKRKKTSGDLDNYDVLFVGANLGGICSNHFDKDTHGKYKCFVSFDQPINQIYSVR
IPYEQQRVRKSEYIHFSKKSINQFTPSEMLAVKEILPEQNAVVLSSGRRIGYNQLVLATGLKHDFSQIKGFYEALEHPEH
PVYANRDPETWRSAQHKYSKYISNFKSGDGYFCIPEYPYAGEVECFNFFVSDEVWKWAQHHGALSPKHTFTIVNANEKFV
HYCDSADAFIKERLEKRGIRVEYNTKLLEVHQDGQKATFINTKTGEKSVRDYNNLYSIVPSKRQEFLDKAGLTNGNGLLN
VDHQTLQHKKYKNIFGLGDAADLPTTKTFWAGWYQIAVVRNNVKRNLQGQTLNAHYDGFSKVPLFTGHQTLTYVAHSYGG
VGNWQHLKHNNGGILAWMRYRSWAKGMAKKFQDFYNGARLGPPYHKVLKSFPELPGSPESQQSSGISKYFPTKTENKAAH
;
_entity_poly.pdbx_strand_id   e
#
loop_
_chem_comp.id
_chem_comp.type
_chem_comp.name
_chem_comp.formula
NAD non-polymer NICOTINAMIDE-ADENINE-DINUCLEOTIDE 'C21 H27 N7 O14 P2'
#
# COMPACT_ATOMS: atom_id res chain seq x y z
N LYS A 27 26.25 -22.30 15.33
CA LYS A 27 25.84 -21.84 16.65
C LYS A 27 24.32 -21.93 16.81
N ARG A 28 23.63 -20.83 16.60
CA ARG A 28 22.17 -20.85 16.61
C ARG A 28 21.66 -21.57 15.38
N LYS A 29 20.68 -22.43 15.56
CA LYS A 29 20.15 -23.23 14.47
C LYS A 29 18.79 -22.71 14.03
N LYS A 30 18.53 -22.86 12.73
CA LYS A 30 17.24 -22.53 12.17
C LYS A 30 16.15 -23.41 12.75
N THR A 31 15.05 -22.80 13.15
CA THR A 31 13.96 -23.57 13.71
C THR A 31 13.22 -24.31 12.61
N SER A 32 12.39 -25.26 13.03
CA SER A 32 11.76 -26.18 12.09
C SER A 32 10.51 -25.57 11.48
N GLY A 33 10.27 -25.88 10.21
CA GLY A 33 9.03 -25.52 9.57
C GLY A 33 8.07 -26.69 9.51
N ASP A 34 8.56 -27.86 9.90
CA ASP A 34 7.75 -29.09 9.94
C ASP A 34 7.34 -29.35 11.38
N LEU A 35 6.48 -28.47 11.88
CA LEU A 35 6.06 -28.50 13.26
C LEU A 35 4.55 -28.35 13.35
N ASP A 36 4.03 -28.64 14.53
CA ASP A 36 2.59 -28.63 14.77
C ASP A 36 2.11 -27.40 15.52
N ASN A 37 3.00 -26.67 16.18
CA ASN A 37 2.61 -25.37 16.69
C ASN A 37 3.86 -24.57 17.07
N TYR A 38 3.69 -23.25 17.06
CA TYR A 38 4.73 -22.31 17.39
C TYR A 38 4.19 -21.33 18.42
N ASP A 39 5.07 -20.53 18.99
CA ASP A 39 4.68 -19.56 20.00
C ASP A 39 4.55 -18.15 19.44
N VAL A 40 4.80 -17.97 18.15
CA VAL A 40 4.31 -16.83 17.39
C VAL A 40 4.10 -17.26 15.96
N LEU A 41 3.08 -16.70 15.34
CA LEU A 41 2.80 -16.95 13.93
C LEU A 41 2.49 -15.63 13.25
N PHE A 42 3.30 -15.26 12.26
CA PHE A 42 3.09 -14.05 11.48
C PHE A 42 2.50 -14.40 10.13
N VAL A 43 1.50 -13.63 9.72
CA VAL A 43 0.80 -13.83 8.46
C VAL A 43 1.08 -12.62 7.59
N GLY A 44 2.14 -12.70 6.81
CA GLY A 44 2.59 -11.62 5.97
C GLY A 44 4.10 -11.57 5.97
N ALA A 45 4.65 -11.01 4.91
CA ALA A 45 6.08 -10.88 4.76
C ALA A 45 6.58 -9.45 4.67
N ASN A 46 5.77 -8.55 4.14
CA ASN A 46 6.22 -7.18 3.93
C ASN A 46 6.47 -6.52 5.28
N LEU A 47 5.41 -6.33 6.06
CA LEU A 47 5.53 -5.79 7.40
C LEU A 47 5.40 -6.85 8.47
N GLY A 48 4.85 -8.01 8.13
CA GLY A 48 4.89 -9.16 9.01
C GLY A 48 6.24 -9.79 9.13
N GLY A 49 7.14 -9.50 8.19
CA GLY A 49 8.46 -10.05 8.18
C GLY A 49 9.46 -9.13 8.85
N ILE A 50 9.31 -7.83 8.59
CA ILE A 50 10.15 -6.86 9.28
C ILE A 50 9.91 -6.93 10.78
N CYS A 51 8.73 -7.40 11.19
CA CYS A 51 8.47 -7.50 12.62
C CYS A 51 9.22 -8.69 13.20
N SER A 52 9.08 -9.85 12.56
CA SER A 52 9.77 -11.05 13.01
C SER A 52 11.27 -10.79 13.19
N ASN A 53 11.89 -10.17 12.19
CA ASN A 53 13.30 -9.85 12.29
C ASN A 53 13.54 -8.87 13.45
N HIS A 54 12.52 -8.09 13.79
CA HIS A 54 12.61 -7.17 14.92
C HIS A 54 12.25 -7.88 16.22
N PHE A 55 11.30 -8.81 16.14
CA PHE A 55 10.91 -9.59 17.31
C PHE A 55 12.05 -10.44 17.84
N ASP A 56 12.90 -10.95 16.94
CA ASP A 56 14.06 -11.72 17.36
C ASP A 56 15.08 -10.83 18.05
N LYS A 57 15.58 -9.81 17.35
CA LYS A 57 16.56 -8.91 17.93
C LYS A 57 16.07 -8.28 19.22
N ASP A 58 14.76 -8.28 19.45
CA ASP A 58 14.18 -7.76 20.67
C ASP A 58 14.13 -8.80 21.77
N THR A 59 14.12 -10.08 21.41
CA THR A 59 13.97 -11.16 22.35
C THR A 59 15.17 -12.12 22.35
N HIS A 60 16.11 -11.98 21.43
CA HIS A 60 17.29 -12.84 21.36
C HIS A 60 16.94 -14.32 21.14
N GLY A 61 15.96 -14.57 20.28
CA GLY A 61 15.72 -15.91 19.81
C GLY A 61 15.16 -16.89 20.81
N LYS A 62 14.51 -16.43 21.87
CA LYS A 62 14.00 -17.35 22.86
C LYS A 62 12.74 -18.07 22.39
N TYR A 63 12.17 -17.66 21.27
CA TYR A 63 10.93 -18.24 20.77
C TYR A 63 11.09 -18.66 19.32
N LYS A 64 10.28 -19.64 18.93
CA LYS A 64 10.29 -20.21 17.59
C LYS A 64 9.08 -19.66 16.85
N CYS A 65 9.32 -18.87 15.81
CA CYS A 65 8.29 -18.13 15.11
C CYS A 65 8.26 -18.46 13.63
N PHE A 66 7.06 -18.64 13.10
CA PHE A 66 6.79 -19.07 11.74
C PHE A 66 6.14 -17.94 10.96
N VAL A 67 6.44 -17.90 9.66
CA VAL A 67 5.89 -16.89 8.76
C VAL A 67 5.29 -17.57 7.55
N SER A 68 4.10 -17.11 7.14
CA SER A 68 3.36 -17.72 6.03
C SER A 68 2.74 -16.65 5.15
N PHE A 69 3.47 -16.26 4.11
CA PHE A 69 2.99 -15.29 3.14
C PHE A 69 2.35 -16.02 1.96
N ASP A 70 1.96 -15.27 0.94
CA ASP A 70 1.09 -15.76 -0.12
C ASP A 70 1.65 -15.43 -1.49
N GLN A 71 2.34 -14.31 -1.62
CA GLN A 71 2.87 -13.89 -2.90
C GLN A 71 4.39 -13.81 -2.84
N PRO A 72 5.06 -14.04 -3.97
CA PRO A 72 6.52 -14.15 -3.97
C PRO A 72 7.27 -12.85 -3.97
N ILE A 73 6.66 -11.74 -4.40
CA ILE A 73 7.40 -10.51 -4.61
C ILE A 73 6.71 -9.36 -3.88
N ASN A 74 7.53 -8.47 -3.36
CA ASN A 74 7.10 -7.26 -2.65
C ASN A 74 7.47 -6.05 -3.49
N GLN A 75 6.48 -5.49 -4.19
CA GLN A 75 6.71 -4.28 -4.95
C GLN A 75 6.70 -3.08 -4.01
N ILE A 76 7.75 -2.28 -4.07
CA ILE A 76 7.94 -1.18 -3.14
C ILE A 76 7.16 0.03 -3.60
N TYR A 77 5.90 0.13 -3.18
CA TYR A 77 5.04 1.19 -3.67
C TYR A 77 5.31 2.53 -3.01
N SER A 78 6.28 2.61 -2.11
CA SER A 78 6.66 3.89 -1.53
C SER A 78 7.45 4.74 -2.51
N VAL A 79 8.08 4.12 -3.49
CA VAL A 79 8.89 4.84 -4.48
C VAL A 79 8.28 4.59 -5.85
N ARG A 80 6.96 4.48 -5.90
CA ARG A 80 6.29 4.14 -7.15
C ARG A 80 6.32 5.28 -8.14
N ILE A 81 6.34 6.52 -7.67
CA ILE A 81 6.43 7.65 -8.56
C ILE A 81 7.87 7.90 -9.02
N PRO A 82 8.87 7.80 -8.14
CA PRO A 82 10.25 7.79 -8.62
C PRO A 82 10.57 6.64 -9.54
N TYR A 83 9.78 5.57 -9.48
CA TYR A 83 9.93 4.48 -10.43
C TYR A 83 9.45 4.91 -11.81
N GLU A 84 8.25 5.46 -11.88
CA GLU A 84 7.67 5.90 -13.14
C GLU A 84 8.45 7.05 -13.79
N GLN A 85 9.33 7.69 -13.04
CA GLN A 85 10.30 8.63 -13.58
C GLN A 85 11.62 7.99 -13.94
N GLN A 86 11.73 6.68 -13.77
CA GLN A 86 12.97 5.98 -14.01
C GLN A 86 14.12 6.60 -13.22
N ARG A 87 13.81 6.98 -11.99
CA ARG A 87 14.80 7.48 -11.04
C ARG A 87 15.19 6.38 -10.09
N VAL A 88 14.61 5.20 -10.27
CA VAL A 88 14.80 4.03 -9.45
C VAL A 88 14.73 2.84 -10.37
N ARG A 89 15.75 2.00 -10.32
CA ARG A 89 15.83 0.89 -11.24
C ARG A 89 14.94 -0.25 -10.77
N LYS A 90 14.65 -1.16 -11.69
CA LYS A 90 13.70 -2.21 -11.40
C LYS A 90 14.22 -3.18 -10.35
N SER A 91 15.53 -3.25 -10.20
CA SER A 91 16.12 -4.09 -9.16
C SER A 91 15.86 -3.53 -7.77
N GLU A 92 15.75 -2.22 -7.65
CA GLU A 92 15.52 -1.56 -6.37
C GLU A 92 14.05 -1.35 -6.06
N TYR A 93 13.17 -1.81 -6.95
CA TYR A 93 11.73 -1.73 -6.77
C TYR A 93 11.09 -3.08 -6.59
N ILE A 94 11.78 -4.14 -6.98
CA ILE A 94 11.29 -5.50 -6.88
C ILE A 94 12.13 -6.22 -5.85
N HIS A 95 11.50 -6.71 -4.80
CA HIS A 95 12.17 -7.45 -3.75
C HIS A 95 11.39 -8.71 -3.44
N PHE A 96 12.12 -9.80 -3.26
CA PHE A 96 11.49 -11.06 -2.89
C PHE A 96 11.00 -11.01 -1.45
N SER A 97 9.91 -11.71 -1.20
CA SER A 97 9.35 -11.78 0.14
C SER A 97 10.26 -12.51 1.12
N LYS A 98 11.02 -13.51 0.66
CA LYS A 98 11.88 -14.24 1.58
C LYS A 98 12.88 -13.32 2.27
N LYS A 99 13.38 -12.32 1.56
CA LYS A 99 14.42 -11.46 2.12
C LYS A 99 13.97 -10.75 3.37
N SER A 100 12.69 -10.38 3.46
CA SER A 100 12.21 -9.70 4.65
C SER A 100 12.38 -10.57 5.87
N ILE A 101 12.08 -11.85 5.73
CA ILE A 101 12.24 -12.82 6.82
C ILE A 101 13.72 -13.14 7.01
N ASN A 102 14.12 -13.27 8.26
CA ASN A 102 15.49 -13.61 8.57
C ASN A 102 15.75 -15.10 8.34
N GLN A 103 17.04 -15.43 8.26
CA GLN A 103 17.43 -16.79 7.93
C GLN A 103 16.91 -17.80 8.94
N PHE A 104 16.98 -17.47 10.23
CA PHE A 104 16.57 -18.40 11.27
C PHE A 104 15.07 -18.68 11.24
N THR A 105 14.24 -17.70 11.00
CA THR A 105 12.82 -17.96 11.08
C THR A 105 12.32 -18.70 9.85
N PRO A 106 11.65 -19.83 10.00
CA PRO A 106 11.17 -20.58 8.85
C PRO A 106 9.98 -19.93 8.19
N SER A 107 9.90 -20.07 6.88
CA SER A 107 8.81 -19.49 6.11
C SER A 107 8.31 -20.51 5.10
N GLU A 108 7.07 -20.31 4.69
CA GLU A 108 6.49 -21.08 3.59
C GLU A 108 5.50 -20.18 2.87
N MET A 109 5.53 -20.22 1.54
CA MET A 109 4.66 -19.39 0.74
C MET A 109 3.32 -20.08 0.48
N LEU A 110 2.56 -20.25 1.56
CA LEU A 110 1.23 -20.82 1.49
C LEU A 110 0.26 -19.94 2.25
N ALA A 111 -0.85 -19.62 1.61
CA ALA A 111 -1.90 -18.82 2.24
C ALA A 111 -2.68 -19.61 3.27
N VAL A 112 -3.05 -18.94 4.37
CA VAL A 112 -3.86 -19.58 5.38
C VAL A 112 -5.29 -19.69 4.87
N LYS A 113 -5.80 -20.93 4.83
CA LYS A 113 -7.16 -21.15 4.37
C LYS A 113 -8.20 -20.66 5.36
N GLU A 114 -7.95 -20.86 6.66
CA GLU A 114 -8.88 -20.38 7.67
C GLU A 114 -8.15 -20.25 9.00
N ILE A 115 -8.75 -19.48 9.89
CA ILE A 115 -8.19 -19.19 11.21
C ILE A 115 -9.21 -19.61 12.26
N LEU A 116 -8.78 -20.48 13.18
CA LEU A 116 -9.65 -20.97 14.23
C LEU A 116 -9.23 -20.37 15.57
N PRO A 117 -9.69 -19.16 15.91
CA PRO A 117 -9.14 -18.48 17.09
C PRO A 117 -9.54 -19.12 18.39
N GLU A 118 -10.68 -19.79 18.43
CA GLU A 118 -11.11 -20.47 19.65
C GLU A 118 -10.22 -21.67 19.94
N GLN A 119 -9.61 -22.24 18.90
CA GLN A 119 -8.73 -23.37 19.03
C GLN A 119 -7.26 -22.97 19.08
N ASN A 120 -6.93 -21.72 18.76
CA ASN A 120 -5.56 -21.28 18.60
C ASN A 120 -4.85 -22.12 17.53
N ALA A 121 -5.30 -21.93 16.30
CA ALA A 121 -4.83 -22.75 15.20
C ALA A 121 -5.00 -22.00 13.89
N VAL A 122 -4.29 -22.49 12.87
CA VAL A 122 -4.31 -21.88 11.56
C VAL A 122 -4.12 -22.94 10.48
N VAL A 123 -5.13 -23.10 9.62
CA VAL A 123 -5.10 -24.08 8.55
C VAL A 123 -4.63 -23.42 7.27
N LEU A 124 -3.64 -24.02 6.62
CA LEU A 124 -3.11 -23.52 5.37
C LEU A 124 -3.83 -24.14 4.18
N SER A 125 -3.44 -23.71 2.98
CA SER A 125 -4.06 -24.24 1.77
C SER A 125 -3.86 -25.74 1.67
N SER A 126 -2.63 -26.21 1.91
CA SER A 126 -2.36 -27.63 1.84
C SER A 126 -3.23 -28.40 2.81
N GLY A 127 -3.42 -27.85 4.01
CA GLY A 127 -4.25 -28.45 5.03
C GLY A 127 -3.53 -28.71 6.33
N ARG A 128 -2.25 -28.41 6.44
CA ARG A 128 -1.48 -28.69 7.65
C ARG A 128 -1.92 -27.74 8.75
N ARG A 129 -2.69 -28.25 9.70
CA ARG A 129 -3.14 -27.46 10.83
C ARG A 129 -1.93 -27.03 11.64
N ILE A 130 -1.86 -25.73 11.93
CA ILE A 130 -0.79 -25.13 12.70
C ILE A 130 -1.41 -24.45 13.92
N GLY A 131 -0.83 -24.70 15.10
CA GLY A 131 -1.24 -24.03 16.29
C GLY A 131 -0.34 -22.86 16.63
N TYR A 132 -0.81 -22.00 17.53
CA TYR A 132 -0.04 -20.85 17.92
C TYR A 132 -0.39 -20.44 19.34
N ASN A 133 0.45 -19.57 19.89
CA ASN A 133 0.25 -18.88 21.15
C ASN A 133 -0.13 -17.42 20.96
N GLN A 134 0.48 -16.76 19.99
CA GLN A 134 0.12 -15.42 19.56
C GLN A 134 0.18 -15.34 18.05
N LEU A 135 -0.79 -14.65 17.47
CA LEU A 135 -0.93 -14.51 16.03
C LEU A 135 -0.88 -13.04 15.63
N VAL A 136 -0.04 -12.74 14.65
CA VAL A 136 0.11 -11.42 14.09
C VAL A 136 -0.34 -11.44 12.64
N LEU A 137 -1.32 -10.61 12.31
CA LEU A 137 -1.94 -10.57 10.99
C LEU A 137 -1.50 -9.31 10.26
N ALA A 138 -0.81 -9.49 9.13
CA ALA A 138 -0.39 -8.43 8.24
C ALA A 138 -0.83 -8.73 6.83
N THR A 139 -2.10 -9.06 6.65
CA THR A 139 -2.59 -9.53 5.37
C THR A 139 -2.88 -8.42 4.39
N GLY A 140 -2.61 -7.18 4.75
CA GLY A 140 -2.79 -6.08 3.84
C GLY A 140 -4.15 -6.04 3.18
N LEU A 141 -4.25 -5.29 2.09
CA LEU A 141 -5.44 -5.24 1.26
C LEU A 141 -5.14 -5.93 -0.05
N LYS A 142 -5.85 -7.01 -0.32
CA LYS A 142 -5.53 -7.86 -1.45
C LYS A 142 -6.04 -7.23 -2.74
N HIS A 143 -5.14 -7.09 -3.71
CA HIS A 143 -5.49 -6.50 -4.99
C HIS A 143 -6.37 -7.45 -5.79
N ASP A 144 -7.48 -6.93 -6.31
CA ASP A 144 -8.44 -7.71 -7.09
C ASP A 144 -8.65 -7.06 -8.45
N PHE A 145 -7.74 -7.35 -9.37
CA PHE A 145 -7.85 -6.80 -10.72
C PHE A 145 -9.20 -7.12 -11.36
N SER A 146 -9.91 -8.12 -10.85
CA SER A 146 -11.15 -8.57 -11.48
C SER A 146 -12.36 -7.74 -11.09
N GLN A 147 -12.22 -6.78 -10.19
CA GLN A 147 -13.31 -5.84 -9.96
C GLN A 147 -13.51 -4.94 -11.15
N ILE A 148 -12.49 -4.79 -11.98
CA ILE A 148 -12.51 -3.94 -13.16
C ILE A 148 -12.32 -4.85 -14.36
N LYS A 149 -13.41 -5.21 -15.02
CA LYS A 149 -13.33 -6.22 -16.06
C LYS A 149 -12.44 -5.77 -17.20
N GLY A 150 -11.61 -6.69 -17.68
CA GLY A 150 -10.70 -6.44 -18.77
C GLY A 150 -9.51 -5.56 -18.43
N PHE A 151 -9.35 -5.17 -17.18
CA PHE A 151 -8.28 -4.27 -16.81
C PHE A 151 -6.92 -4.95 -16.91
N TYR A 152 -6.76 -6.09 -16.26
CA TYR A 152 -5.46 -6.73 -16.18
C TYR A 152 -4.90 -7.02 -17.56
N GLU A 153 -5.74 -7.52 -18.47
CA GLU A 153 -5.27 -7.89 -19.79
C GLU A 153 -4.92 -6.67 -20.63
N ALA A 154 -5.38 -5.49 -20.25
CA ALA A 154 -4.94 -4.27 -20.89
C ALA A 154 -3.71 -3.66 -20.23
N LEU A 155 -3.53 -3.91 -18.94
CA LEU A 155 -2.32 -3.46 -18.28
C LEU A 155 -1.11 -4.31 -18.61
N GLU A 156 -1.32 -5.53 -19.09
CA GLU A 156 -0.24 -6.43 -19.42
C GLU A 156 0.21 -6.24 -20.86
N HIS A 157 -0.69 -5.78 -21.71
CA HIS A 157 -0.34 -5.40 -23.07
C HIS A 157 0.76 -4.35 -23.05
N PRO A 158 1.85 -4.55 -23.79
CA PRO A 158 2.98 -3.63 -23.72
C PRO A 158 2.77 -2.31 -24.46
N GLU A 159 1.64 -2.11 -25.10
CA GLU A 159 1.37 -0.88 -25.82
C GLU A 159 0.12 -0.17 -25.35
N HIS A 160 -0.91 -0.90 -24.93
CA HIS A 160 -2.19 -0.27 -24.65
C HIS A 160 -2.01 0.84 -23.62
N PRO A 161 -2.81 1.90 -23.72
CA PRO A 161 -2.65 3.04 -22.81
C PRO A 161 -3.30 2.86 -21.45
N VAL A 162 -3.53 1.61 -21.05
CA VAL A 162 -4.01 1.33 -19.70
C VAL A 162 -2.83 1.12 -18.78
N TYR A 163 -2.74 1.94 -17.75
CA TYR A 163 -1.68 1.92 -16.77
C TYR A 163 -2.27 1.75 -15.39
N ALA A 164 -1.48 1.22 -14.47
CA ALA A 164 -1.97 0.91 -13.15
C ALA A 164 -0.91 1.24 -12.10
N ASN A 165 -1.29 0.94 -10.86
CA ASN A 165 -0.47 1.23 -9.70
C ASN A 165 0.65 0.23 -9.49
N ARG A 166 0.59 -0.93 -10.13
CA ARG A 166 1.64 -1.91 -9.95
C ARG A 166 1.87 -2.70 -11.22
N ASP A 167 3.01 -3.30 -11.27
CA ASP A 167 3.47 -4.12 -12.38
C ASP A 167 2.89 -5.52 -12.27
N PRO A 168 2.39 -6.07 -13.37
CA PRO A 168 2.14 -7.51 -13.41
C PRO A 168 3.43 -8.30 -13.38
N GLU A 169 3.30 -9.55 -12.97
CA GLU A 169 4.44 -10.39 -12.68
C GLU A 169 4.96 -11.09 -13.92
N THR A 170 4.34 -10.86 -15.08
CA THR A 170 4.79 -11.44 -16.32
C THR A 170 5.64 -10.48 -17.13
N TRP A 171 5.88 -9.27 -16.63
CA TRP A 171 6.76 -8.33 -17.30
C TRP A 171 8.21 -8.66 -17.01
N ARG A 172 9.03 -8.68 -18.05
CA ARG A 172 10.43 -8.99 -17.90
C ARG A 172 11.25 -7.71 -17.77
N SER A 173 12.53 -7.88 -17.48
CA SER A 173 13.38 -6.77 -17.07
C SER A 173 13.41 -5.65 -18.09
N ALA A 174 13.01 -5.91 -19.33
CA ALA A 174 13.14 -4.94 -20.40
C ALA A 174 11.83 -4.23 -20.74
N GLN A 175 10.77 -4.47 -19.98
CA GLN A 175 9.49 -3.82 -20.21
C GLN A 175 9.38 -2.62 -19.28
N HIS A 176 9.26 -1.44 -19.86
CA HIS A 176 9.20 -0.20 -19.10
C HIS A 176 7.94 0.59 -19.45
N LYS A 177 6.84 -0.13 -19.64
CA LYS A 177 5.58 0.52 -19.96
C LYS A 177 5.13 1.48 -18.86
N TYR A 178 5.44 1.17 -17.61
CA TYR A 178 4.96 1.98 -16.51
C TYR A 178 5.34 3.44 -16.68
N SER A 179 6.51 3.70 -17.25
CA SER A 179 7.04 5.04 -17.39
C SER A 179 6.40 5.83 -18.54
N LYS A 180 5.68 5.16 -19.41
CA LYS A 180 5.13 5.80 -20.60
C LYS A 180 3.82 6.53 -20.35
N TYR A 181 3.29 6.46 -19.14
CA TYR A 181 1.99 7.07 -18.84
C TYR A 181 2.03 8.58 -19.07
N ILE A 182 3.00 9.25 -18.46
CA ILE A 182 3.12 10.69 -18.60
C ILE A 182 3.71 11.05 -19.96
N SER A 183 4.78 10.36 -20.36
CA SER A 183 5.49 10.73 -21.57
C SER A 183 4.64 10.55 -22.81
N ASN A 184 3.94 9.43 -22.91
CA ASN A 184 3.11 9.14 -24.08
C ASN A 184 1.66 9.46 -23.78
N PHE A 185 1.36 10.76 -23.79
CA PHE A 185 -0.01 11.26 -23.69
C PHE A 185 -0.16 12.38 -24.71
N LYS A 186 -0.03 12.01 -25.98
CA LYS A 186 -0.08 12.98 -27.05
C LYS A 186 -1.47 13.60 -27.19
N SER A 187 -2.52 12.81 -27.07
CA SER A 187 -3.86 13.33 -27.29
C SER A 187 -4.89 12.42 -26.65
N GLY A 188 -6.14 12.87 -26.72
CA GLY A 188 -7.27 12.11 -26.21
C GLY A 188 -7.68 12.48 -24.81
N ASP A 189 -8.59 11.68 -24.29
CA ASP A 189 -9.15 11.84 -22.97
C ASP A 189 -8.44 10.91 -22.00
N GLY A 190 -7.90 11.48 -20.93
CA GLY A 190 -7.16 10.75 -19.93
C GLY A 190 -7.90 10.74 -18.60
N TYR A 191 -8.02 9.55 -18.03
CA TYR A 191 -8.73 9.35 -16.77
C TYR A 191 -7.78 8.75 -15.74
N PHE A 192 -7.71 9.39 -14.58
CA PHE A 192 -7.05 8.84 -13.40
C PHE A 192 -8.17 8.43 -12.45
N CYS A 193 -8.28 7.13 -12.19
CA CYS A 193 -9.39 6.60 -11.42
C CYS A 193 -8.93 6.11 -10.06
N ILE A 194 -9.66 6.51 -9.03
CA ILE A 194 -9.45 6.11 -7.64
C ILE A 194 -10.58 5.18 -7.24
N PRO A 195 -10.30 3.98 -6.76
CA PRO A 195 -11.36 3.06 -6.37
C PRO A 195 -12.01 3.38 -5.04
N GLU A 196 -12.84 2.46 -4.57
CA GLU A 196 -13.59 2.64 -3.33
C GLU A 196 -12.75 2.28 -2.12
N TYR A 197 -12.74 3.17 -1.14
CA TYR A 197 -12.03 2.89 0.10
C TYR A 197 -12.67 1.69 0.77
N PRO A 198 -11.88 0.87 1.48
CA PRO A 198 -10.44 0.86 1.72
C PRO A 198 -9.59 0.37 0.56
N TYR A 199 -8.63 1.18 0.14
CA TYR A 199 -7.74 0.80 -0.95
C TYR A 199 -6.33 1.17 -0.54
N ALA A 200 -5.37 0.53 -1.19
CA ALA A 200 -3.97 0.69 -0.85
C ALA A 200 -3.31 1.72 -1.76
N GLY A 201 -2.51 2.59 -1.15
CA GLY A 201 -1.76 3.58 -1.88
C GLY A 201 -2.49 4.89 -1.96
N GLU A 202 -2.93 5.41 -0.82
CA GLU A 202 -3.78 6.58 -0.83
C GLU A 202 -3.00 7.75 -1.40
N VAL A 203 -2.06 8.28 -0.64
CA VAL A 203 -1.37 9.50 -1.03
C VAL A 203 -0.08 9.22 -1.78
N GLU A 204 0.49 8.04 -1.62
CA GLU A 204 1.79 7.71 -2.18
C GLU A 204 1.72 7.33 -3.64
N CYS A 205 0.51 7.15 -4.16
CA CYS A 205 0.32 6.73 -5.54
C CYS A 205 -0.49 7.76 -6.32
N PHE A 206 -0.54 8.99 -5.81
CA PHE A 206 -1.18 10.12 -6.48
C PHE A 206 -0.11 10.83 -7.32
N ASN A 207 -0.07 10.51 -8.60
CA ASN A 207 0.85 11.12 -9.54
C ASN A 207 0.21 12.16 -10.43
N PHE A 208 -0.90 12.75 -10.00
CA PHE A 208 -1.63 13.67 -10.86
C PHE A 208 -1.16 15.10 -10.74
N PHE A 209 -0.16 15.38 -9.90
CA PHE A 209 0.45 16.71 -9.87
C PHE A 209 1.74 16.78 -10.65
N VAL A 210 2.47 15.68 -10.74
CA VAL A 210 3.66 15.65 -11.59
C VAL A 210 3.26 15.55 -13.05
N SER A 211 2.18 14.81 -13.32
CA SER A 211 1.68 14.71 -14.67
C SER A 211 1.23 16.05 -15.21
N ASP A 212 0.50 16.82 -14.40
CA ASP A 212 0.02 18.11 -14.86
C ASP A 212 1.18 19.02 -15.25
N GLU A 213 2.24 19.02 -14.43
CA GLU A 213 3.39 19.85 -14.75
C GLU A 213 4.03 19.42 -16.06
N VAL A 214 4.17 18.11 -16.25
CA VAL A 214 4.81 17.59 -17.45
C VAL A 214 3.90 17.73 -18.66
N TRP A 215 2.59 17.73 -18.46
CA TRP A 215 1.66 18.00 -19.53
C TRP A 215 1.37 19.48 -19.72
N LYS A 216 1.87 20.32 -18.82
CA LYS A 216 1.76 21.75 -19.01
C LYS A 216 2.83 22.25 -19.96
N TRP A 217 3.96 21.56 -19.99
CA TRP A 217 4.99 21.81 -20.99
C TRP A 217 4.59 21.25 -22.34
N ALA A 218 4.09 20.02 -22.36
CA ALA A 218 3.74 19.36 -23.60
C ALA A 218 2.70 20.14 -24.39
N GLN A 219 1.91 20.98 -23.72
CA GLN A 219 0.95 21.79 -24.44
C GLN A 219 1.61 23.01 -25.03
N HIS A 220 2.77 23.38 -24.49
CA HIS A 220 3.44 24.61 -24.87
C HIS A 220 4.28 24.44 -26.13
N HIS A 221 4.73 23.23 -26.43
CA HIS A 221 5.54 22.99 -27.61
C HIS A 221 4.85 22.06 -28.59
N GLY A 222 3.59 21.71 -28.34
CA GLY A 222 2.79 21.03 -29.32
C GLY A 222 2.77 19.52 -29.22
N ALA A 223 3.50 18.95 -28.27
CA ALA A 223 3.53 17.50 -28.16
C ALA A 223 2.18 16.97 -27.76
N LEU A 224 1.49 17.68 -26.87
CA LEU A 224 0.17 17.30 -26.42
C LEU A 224 -0.84 18.23 -27.06
N SER A 225 -1.85 17.66 -27.70
CA SER A 225 -2.79 18.42 -28.46
C SER A 225 -3.61 19.27 -27.51
N PRO A 226 -4.41 20.21 -28.03
CA PRO A 226 -5.45 20.84 -27.21
C PRO A 226 -6.79 20.13 -27.24
N LYS A 227 -6.96 19.14 -28.11
CA LYS A 227 -8.19 18.33 -28.11
C LYS A 227 -7.93 17.14 -27.18
N HIS A 228 -7.80 17.48 -25.90
CA HIS A 228 -7.53 16.51 -24.85
C HIS A 228 -8.19 16.97 -23.57
N THR A 229 -8.60 16.01 -22.74
CA THR A 229 -9.25 16.28 -21.47
C THR A 229 -8.75 15.29 -20.44
N PHE A 230 -8.38 15.79 -19.26
CA PHE A 230 -7.97 14.95 -18.15
C PHE A 230 -8.86 15.23 -16.95
N THR A 231 -9.55 14.19 -16.47
CA THR A 231 -10.42 14.29 -15.31
C THR A 231 -10.08 13.20 -14.30
N ILE A 232 -10.18 13.53 -13.03
CA ILE A 232 -9.92 12.59 -11.95
C ILE A 232 -11.22 11.94 -11.52
N VAL A 233 -11.39 10.66 -11.86
CA VAL A 233 -12.60 9.90 -11.51
C VAL A 233 -12.38 9.26 -10.15
N ASN A 234 -12.86 9.91 -9.10
CA ASN A 234 -12.70 9.40 -7.74
C ASN A 234 -14.04 8.86 -7.24
N ALA A 235 -14.06 7.57 -6.91
CA ALA A 235 -15.27 6.95 -6.39
C ALA A 235 -15.62 7.51 -5.02
N ASN A 236 -14.60 7.74 -4.21
CA ASN A 236 -14.77 8.25 -2.86
C ASN A 236 -15.10 9.73 -2.89
N GLU A 237 -15.70 10.20 -1.80
CA GLU A 237 -16.00 11.62 -1.68
C GLU A 237 -14.74 12.44 -1.49
N LYS A 238 -13.78 11.93 -0.72
CA LYS A 238 -12.57 12.68 -0.40
C LYS A 238 -11.34 11.85 -0.67
N PHE A 239 -10.26 12.55 -1.00
CA PHE A 239 -8.99 11.90 -1.32
C PHE A 239 -8.35 11.27 -0.10
N VAL A 240 -8.32 11.97 1.03
CA VAL A 240 -7.77 11.46 2.27
C VAL A 240 -8.88 11.48 3.30
N HIS A 241 -9.34 10.30 3.69
CA HIS A 241 -10.45 10.16 4.62
C HIS A 241 -10.10 10.63 6.04
N TYR A 242 -8.91 10.31 6.51
CA TYR A 242 -8.56 10.57 7.91
C TYR A 242 -7.72 11.80 8.15
N CYS A 243 -7.37 12.56 7.11
CA CYS A 243 -6.70 13.84 7.31
C CYS A 243 -7.48 14.88 6.53
N ASP A 244 -8.18 15.75 7.26
CA ASP A 244 -8.95 16.80 6.63
C ASP A 244 -8.06 17.84 5.98
N SER A 245 -6.97 18.20 6.63
CA SER A 245 -6.10 19.24 6.10
C SER A 245 -5.51 18.85 4.76
N ALA A 246 -5.06 17.60 4.64
CA ALA A 246 -4.50 17.17 3.36
C ALA A 246 -5.54 17.15 2.26
N ASP A 247 -6.74 16.63 2.58
CA ASP A 247 -7.78 16.58 1.56
C ASP A 247 -8.17 17.98 1.09
N ALA A 248 -8.28 18.92 2.03
CA ALA A 248 -8.62 20.29 1.66
C ALA A 248 -7.53 20.89 0.78
N PHE A 249 -6.28 20.65 1.14
CA PHE A 249 -5.16 21.16 0.36
C PHE A 249 -5.15 20.57 -1.03
N ILE A 250 -5.42 19.27 -1.14
CA ILE A 250 -5.39 18.60 -2.42
C ILE A 250 -6.47 19.15 -3.33
N LYS A 251 -7.67 19.32 -2.79
CA LYS A 251 -8.77 19.85 -3.59
C LYS A 251 -8.51 21.30 -3.98
N GLU A 252 -8.01 22.10 -3.04
CA GLU A 252 -7.72 23.49 -3.32
C GLU A 252 -6.64 23.61 -4.38
N ARG A 253 -5.64 22.74 -4.31
CA ARG A 253 -4.52 22.75 -5.24
C ARG A 253 -4.89 22.14 -6.57
N LEU A 254 -5.82 21.17 -6.55
CA LEU A 254 -6.33 20.58 -7.78
C LEU A 254 -7.00 21.64 -8.64
N GLU A 255 -7.66 22.60 -8.00
CA GLU A 255 -8.33 23.65 -8.75
C GLU A 255 -7.32 24.67 -9.25
N LYS A 256 -6.46 25.17 -8.36
CA LYS A 256 -5.52 26.21 -8.76
C LYS A 256 -4.73 25.76 -9.97
N ARG A 257 -4.49 24.45 -10.10
CA ARG A 257 -3.85 23.91 -11.28
C ARG A 257 -4.79 23.99 -12.47
N GLY A 258 -6.05 23.59 -12.27
CA GLY A 258 -7.01 23.51 -13.34
C GLY A 258 -7.53 22.12 -13.61
N ILE A 259 -7.28 21.20 -12.71
CA ILE A 259 -7.71 19.82 -12.89
C ILE A 259 -9.15 19.66 -12.45
N ARG A 260 -9.85 18.75 -13.12
CA ARG A 260 -11.27 18.51 -12.90
C ARG A 260 -11.45 17.15 -12.24
N VAL A 261 -12.37 17.10 -11.28
CA VAL A 261 -12.63 15.88 -10.52
C VAL A 261 -14.10 15.51 -10.64
N GLU A 262 -14.35 14.21 -10.60
CA GLU A 262 -15.68 13.62 -10.63
C GLU A 262 -15.78 12.65 -9.47
N TYR A 263 -16.58 13.00 -8.48
CA TYR A 263 -16.70 12.19 -7.27
C TYR A 263 -17.79 11.15 -7.44
N ASN A 264 -17.77 10.15 -6.57
CA ASN A 264 -18.80 9.13 -6.46
C ASN A 264 -18.88 8.26 -7.70
N THR A 265 -17.95 8.43 -8.63
CA THR A 265 -17.85 7.65 -9.84
C THR A 265 -16.69 6.66 -9.73
N LYS A 266 -16.96 5.40 -10.06
CA LYS A 266 -15.92 4.38 -10.02
C LYS A 266 -15.87 3.62 -11.33
N LEU A 267 -14.65 3.32 -11.76
CA LEU A 267 -14.43 2.55 -12.97
C LEU A 267 -14.90 1.12 -12.79
N LEU A 268 -15.69 0.66 -13.76
CA LEU A 268 -16.39 -0.61 -13.68
C LEU A 268 -15.98 -1.62 -14.73
N GLU A 269 -15.52 -1.19 -15.90
CA GLU A 269 -15.10 -2.12 -16.94
C GLU A 269 -14.18 -1.38 -17.88
N VAL A 270 -13.40 -2.14 -18.64
CA VAL A 270 -12.49 -1.59 -19.64
C VAL A 270 -12.57 -2.45 -20.89
N HIS A 271 -12.97 -1.85 -22.01
CA HIS A 271 -12.96 -2.54 -23.29
C HIS A 271 -11.69 -2.17 -24.03
N GLN A 272 -10.87 -3.17 -24.30
CA GLN A 272 -9.53 -2.98 -24.85
C GLN A 272 -9.53 -2.81 -26.36
N ASP A 273 -10.63 -3.10 -27.05
CA ASP A 273 -10.67 -3.02 -28.50
C ASP A 273 -11.03 -1.63 -28.99
N GLY A 274 -12.11 -1.07 -28.48
CA GLY A 274 -12.58 0.24 -28.89
C GLY A 274 -12.11 1.36 -27.99
N GLN A 275 -11.44 1.02 -26.90
CA GLN A 275 -10.98 1.99 -25.91
C GLN A 275 -12.17 2.73 -25.31
N LYS A 276 -13.06 1.94 -24.71
CA LYS A 276 -14.20 2.44 -23.97
C LYS A 276 -14.07 2.03 -22.52
N ALA A 277 -14.32 2.97 -21.61
CA ALA A 277 -14.28 2.73 -20.19
C ALA A 277 -15.66 2.96 -19.60
N THR A 278 -16.23 1.92 -19.01
CA THR A 278 -17.56 2.01 -18.41
C THR A 278 -17.43 2.47 -16.97
N PHE A 279 -17.96 3.65 -16.68
CA PHE A 279 -18.02 4.18 -15.32
C PHE A 279 -19.42 4.04 -14.75
N ILE A 280 -19.52 4.18 -13.43
CA ILE A 280 -20.80 4.18 -12.74
C ILE A 280 -20.75 5.14 -11.56
N ASN A 281 -21.72 6.03 -11.50
CA ASN A 281 -21.86 6.99 -10.41
C ASN A 281 -22.69 6.38 -9.29
N THR A 282 -22.03 5.84 -8.28
CA THR A 282 -22.72 5.06 -7.26
C THR A 282 -23.86 5.86 -6.64
N LYS A 283 -23.74 7.18 -6.62
CA LYS A 283 -24.76 8.01 -5.98
C LYS A 283 -26.08 7.86 -6.71
N THR A 284 -26.05 7.98 -8.03
CA THR A 284 -27.22 7.85 -8.89
C THR A 284 -27.36 6.48 -9.52
N GLY A 285 -26.37 5.62 -9.39
CA GLY A 285 -26.45 4.31 -10.02
C GLY A 285 -26.49 4.38 -11.52
N GLU A 286 -26.11 5.51 -12.10
CA GLU A 286 -26.23 5.77 -13.53
C GLU A 286 -24.87 5.65 -14.19
N LYS A 287 -24.75 4.69 -15.10
CA LYS A 287 -23.47 4.34 -15.69
C LYS A 287 -23.25 5.09 -17.00
N SER A 288 -21.99 5.33 -17.30
CA SER A 288 -21.60 5.99 -18.53
C SER A 288 -20.49 5.22 -19.23
N VAL A 289 -20.32 5.50 -20.51
CA VAL A 289 -19.29 4.90 -21.33
C VAL A 289 -18.52 6.01 -22.02
N ARG A 290 -17.19 5.97 -21.91
CA ARG A 290 -16.36 7.10 -22.29
C ARG A 290 -15.10 6.62 -22.99
N ASP A 291 -14.83 7.19 -24.16
CA ASP A 291 -13.58 6.96 -24.85
C ASP A 291 -12.39 7.41 -24.01
N TYR A 292 -11.39 6.54 -23.88
CA TYR A 292 -10.15 6.87 -23.21
C TYR A 292 -9.01 6.76 -24.20
N ASN A 293 -7.91 7.45 -23.88
CA ASN A 293 -6.64 7.21 -24.53
C ASN A 293 -5.47 7.25 -23.56
N ASN A 294 -5.72 7.42 -22.28
CA ASN A 294 -4.69 7.31 -21.24
C ASN A 294 -5.44 7.08 -19.94
N LEU A 295 -5.42 5.85 -19.46
CA LEU A 295 -6.13 5.47 -18.25
C LEU A 295 -5.17 4.96 -17.19
N TYR A 296 -5.25 5.53 -15.99
CA TYR A 296 -4.55 5.06 -14.81
C TYR A 296 -5.56 4.73 -13.75
N SER A 297 -5.33 3.62 -13.04
CA SER A 297 -6.17 3.26 -11.92
C SER A 297 -5.32 2.80 -10.75
N ILE A 298 -5.73 3.18 -9.55
CA ILE A 298 -5.15 2.69 -8.32
C ILE A 298 -5.83 1.35 -8.04
N VAL A 299 -5.09 0.26 -8.19
CA VAL A 299 -5.67 -1.07 -8.17
C VAL A 299 -6.66 -1.24 -7.04
N PRO A 300 -7.81 -1.87 -7.29
CA PRO A 300 -8.86 -2.01 -6.29
C PRO A 300 -8.68 -3.28 -5.49
N SER A 301 -8.97 -3.17 -4.19
CA SER A 301 -8.76 -4.25 -3.25
C SER A 301 -10.05 -5.05 -3.06
N LYS A 302 -9.97 -6.07 -2.20
CA LYS A 302 -11.08 -6.94 -1.91
C LYS A 302 -10.85 -7.64 -0.59
N ARG A 303 -11.89 -7.69 0.23
CA ARG A 303 -11.80 -8.33 1.52
C ARG A 303 -11.71 -9.84 1.39
N GLN A 304 -10.92 -10.44 2.27
CA GLN A 304 -10.72 -11.87 2.29
C GLN A 304 -11.72 -12.49 3.26
N GLU A 305 -12.34 -13.59 2.84
CA GLU A 305 -13.51 -14.05 3.56
C GLU A 305 -13.14 -14.87 4.78
N PHE A 306 -11.98 -15.52 4.78
CA PHE A 306 -11.59 -16.30 5.94
C PHE A 306 -11.42 -15.43 7.17
N LEU A 307 -11.26 -14.13 6.97
CA LEU A 307 -11.17 -13.20 8.09
C LEU A 307 -12.55 -12.80 8.61
N ASP A 308 -13.59 -13.07 7.83
CA ASP A 308 -14.96 -12.74 8.18
C ASP A 308 -15.72 -13.96 8.68
N LYS A 309 -15.38 -15.14 8.17
CA LYS A 309 -15.85 -16.38 8.75
C LYS A 309 -15.32 -16.58 10.16
N ALA A 310 -14.11 -16.09 10.43
CA ALA A 310 -13.53 -16.17 11.76
C ALA A 310 -14.02 -15.07 12.68
N GLY A 311 -14.80 -14.12 12.18
CA GLY A 311 -15.38 -13.10 13.03
C GLY A 311 -14.36 -12.16 13.62
N LEU A 312 -13.46 -11.66 12.79
CA LEU A 312 -12.40 -10.76 13.20
C LEU A 312 -12.61 -9.36 12.65
N THR A 313 -12.95 -9.26 11.37
CA THR A 313 -13.16 -8.00 10.69
C THR A 313 -14.44 -7.33 11.16
N ASN A 314 -14.52 -6.04 10.91
CA ASN A 314 -15.67 -5.21 11.25
C ASN A 314 -16.09 -4.46 10.00
N GLY A 315 -17.28 -4.77 9.49
CA GLY A 315 -17.84 -3.99 8.41
C GLY A 315 -17.02 -4.04 7.14
N ASN A 316 -16.27 -2.96 6.89
CA ASN A 316 -15.51 -2.81 5.66
C ASN A 316 -14.56 -3.96 5.39
N GLY A 317 -14.23 -4.78 6.39
CA GLY A 317 -13.38 -5.93 6.17
C GLY A 317 -12.04 -5.84 6.85
N LEU A 318 -11.79 -4.78 7.59
CA LEU A 318 -10.54 -4.59 8.29
C LEU A 318 -10.63 -5.11 9.72
N LEU A 319 -9.49 -5.53 10.24
CA LEU A 319 -9.44 -6.16 11.54
C LEU A 319 -9.96 -5.25 12.64
N ASN A 320 -10.68 -5.83 13.58
CA ASN A 320 -11.23 -5.11 14.73
C ASN A 320 -10.21 -5.15 15.85
N VAL A 321 -9.27 -4.21 15.81
CA VAL A 321 -8.18 -4.15 16.78
C VAL A 321 -8.28 -2.86 17.56
N ASP A 322 -7.59 -2.83 18.69
CA ASP A 322 -7.54 -1.62 19.47
C ASP A 322 -6.73 -0.58 18.70
N HIS A 323 -7.08 0.69 18.92
CA HIS A 323 -6.37 1.77 18.28
C HIS A 323 -5.03 2.04 18.94
N GLN A 324 -4.91 1.72 20.23
CA GLN A 324 -3.72 2.05 21.00
C GLN A 324 -2.71 0.90 21.00
N THR A 325 -3.15 -0.27 21.45
CA THR A 325 -2.24 -1.40 21.63
C THR A 325 -2.18 -2.32 20.43
N LEU A 326 -3.15 -2.25 19.54
CA LEU A 326 -3.24 -3.00 18.29
C LEU A 326 -3.73 -4.41 18.57
N GLN A 327 -4.05 -4.73 19.83
CA GLN A 327 -4.57 -6.04 20.17
C GLN A 327 -6.03 -6.14 19.77
N HIS A 328 -6.40 -7.31 19.27
CA HIS A 328 -7.77 -7.56 18.86
C HIS A 328 -8.71 -7.39 20.05
N LYS A 329 -9.89 -6.83 19.78
CA LYS A 329 -10.83 -6.55 20.85
C LYS A 329 -11.12 -7.82 21.62
N LYS A 330 -11.78 -8.76 20.97
CA LYS A 330 -11.84 -10.13 21.45
C LYS A 330 -10.65 -10.90 20.91
N TYR A 331 -10.38 -12.05 21.53
CA TYR A 331 -9.17 -12.81 21.25
C TYR A 331 -7.92 -12.00 21.60
N LYS A 332 -7.72 -11.88 22.91
CA LYS A 332 -6.65 -11.12 23.53
C LYS A 332 -5.27 -11.43 22.97
N ASN A 333 -5.15 -12.50 22.20
CA ASN A 333 -3.87 -12.98 21.72
C ASN A 333 -3.67 -12.78 20.22
N ILE A 334 -4.63 -12.17 19.54
CA ILE A 334 -4.50 -11.86 18.12
C ILE A 334 -4.20 -10.39 17.97
N PHE A 335 -3.24 -10.08 17.11
CA PHE A 335 -2.90 -8.71 16.79
C PHE A 335 -3.17 -8.45 15.31
N GLY A 336 -2.91 -7.21 14.90
CA GLY A 336 -3.08 -6.85 13.51
C GLY A 336 -2.43 -5.53 13.20
N LEU A 337 -1.74 -5.44 12.06
CA LEU A 337 -1.04 -4.22 11.71
C LEU A 337 -1.05 -4.00 10.21
N GLY A 338 -0.65 -2.80 9.84
CA GLY A 338 -0.50 -2.43 8.44
C GLY A 338 -1.79 -1.89 7.85
N ASP A 339 -2.20 -2.48 6.73
CA ASP A 339 -3.45 -2.07 6.09
C ASP A 339 -4.63 -2.91 6.53
N ALA A 340 -4.40 -4.18 6.86
CA ALA A 340 -5.48 -5.04 7.31
C ALA A 340 -6.18 -4.48 8.53
N ALA A 341 -5.48 -3.68 9.31
CA ALA A 341 -6.01 -3.17 10.56
C ALA A 341 -6.90 -1.95 10.33
N ASP A 342 -7.98 -1.88 11.09
CA ASP A 342 -8.95 -0.80 10.98
C ASP A 342 -8.51 0.31 11.92
N LEU A 343 -7.76 1.26 11.38
CA LEU A 343 -7.19 2.31 12.18
C LEU A 343 -7.52 3.66 11.56
N PRO A 344 -7.87 4.66 12.36
CA PRO A 344 -8.22 5.98 11.79
C PRO A 344 -7.01 6.81 11.40
N THR A 345 -6.22 6.28 10.47
CA THR A 345 -5.07 7.00 9.96
C THR A 345 -4.80 6.57 8.53
N THR A 346 -3.85 7.25 7.90
CA THR A 346 -3.45 6.94 6.54
C THR A 346 -2.55 5.71 6.52
N LYS A 347 -2.96 4.70 5.76
CA LYS A 347 -2.27 3.41 5.70
C LYS A 347 -0.99 3.54 4.90
N THR A 348 0.05 4.04 5.56
CA THR A 348 1.36 4.24 4.95
C THR A 348 2.34 3.21 5.47
N PHE A 349 3.57 3.31 4.98
CA PHE A 349 4.64 2.43 5.44
C PHE A 349 5.25 2.95 6.73
N TRP A 350 5.56 4.25 6.79
CA TRP A 350 6.09 4.83 8.01
C TRP A 350 5.12 4.74 9.16
N ALA A 351 3.85 4.49 8.87
CA ALA A 351 2.93 4.09 9.93
C ALA A 351 3.32 2.72 10.46
N GLY A 352 3.47 1.75 9.56
CA GLY A 352 3.82 0.41 9.98
C GLY A 352 5.17 0.34 10.66
N TRP A 353 6.06 1.29 10.36
CA TRP A 353 7.31 1.35 11.09
C TRP A 353 7.07 1.58 12.58
N TYR A 354 5.97 2.25 12.90
CA TYR A 354 5.57 2.47 14.28
C TYR A 354 4.60 1.41 14.81
N GLN A 355 4.00 0.62 13.93
CA GLN A 355 3.13 -0.46 14.38
C GLN A 355 3.84 -1.80 14.53
N ILE A 356 5.10 -1.91 14.15
CA ILE A 356 5.83 -3.14 14.44
C ILE A 356 6.60 -2.94 15.73
N ALA A 357 6.98 -1.70 16.02
CA ALA A 357 7.55 -1.39 17.31
C ALA A 357 6.57 -1.68 18.43
N VAL A 358 5.28 -1.51 18.15
CA VAL A 358 4.26 -1.71 19.16
C VAL A 358 3.85 -3.16 19.25
N VAL A 359 3.68 -3.82 18.11
CA VAL A 359 3.29 -5.22 18.11
C VAL A 359 4.36 -6.08 18.72
N ARG A 360 5.63 -5.79 18.43
CA ARG A 360 6.69 -6.65 18.94
C ARG A 360 6.87 -6.48 20.44
N ASN A 361 6.42 -5.36 20.99
CA ASN A 361 6.45 -5.16 22.43
C ASN A 361 5.32 -5.94 23.08
N ASN A 362 4.08 -5.60 22.76
CA ASN A 362 2.94 -6.21 23.42
C ASN A 362 2.96 -7.72 23.23
N VAL A 363 3.30 -8.18 22.03
CA VAL A 363 3.28 -9.61 21.76
C VAL A 363 4.20 -10.32 22.74
N LYS A 364 5.33 -9.71 23.03
CA LYS A 364 6.27 -10.27 23.99
C LYS A 364 5.79 -10.06 25.42
N ARG A 365 5.08 -8.96 25.69
CA ARG A 365 4.49 -8.78 27.00
C ARG A 365 3.38 -9.78 27.26
N ASN A 366 2.72 -10.25 26.21
CA ASN A 366 1.67 -11.25 26.34
C ASN A 366 2.21 -12.66 26.49
N LEU A 367 3.43 -12.90 26.02
CA LEU A 367 4.09 -14.17 26.24
C LEU A 367 4.68 -14.26 27.65
N GLN A 368 4.86 -13.13 28.30
CA GLN A 368 5.31 -13.05 29.67
C GLN A 368 4.19 -12.72 30.65
N GLY A 369 2.96 -12.59 30.16
CA GLY A 369 1.82 -12.28 30.99
C GLY A 369 1.73 -10.82 31.39
N GLN A 370 2.76 -10.03 31.13
CA GLN A 370 2.80 -8.64 31.55
C GLN A 370 1.82 -7.80 30.75
N THR A 371 1.58 -6.59 31.26
CA THR A 371 0.64 -5.68 30.63
C THR A 371 1.22 -5.12 29.34
N LEU A 372 0.36 -4.52 28.54
CA LEU A 372 0.72 -4.00 27.23
C LEU A 372 0.97 -2.50 27.36
N ASN A 373 2.24 -2.14 27.38
CA ASN A 373 2.68 -0.80 27.74
C ASN A 373 2.98 0.08 26.54
N ALA A 374 2.80 -0.43 25.33
CA ALA A 374 3.16 0.31 24.12
C ALA A 374 1.89 0.70 23.39
N HIS A 375 1.72 1.99 23.17
CA HIS A 375 0.53 2.55 22.54
C HIS A 375 0.87 3.19 21.21
N TYR A 376 -0.03 3.04 20.24
CA TYR A 376 0.14 3.62 18.93
C TYR A 376 -0.46 5.02 18.91
N ASP A 377 0.34 5.99 18.49
CA ASP A 377 -0.10 7.38 18.45
C ASP A 377 -0.89 7.72 17.20
N GLY A 378 -0.86 6.87 16.18
CA GLY A 378 -1.52 7.17 14.94
C GLY A 378 -0.68 7.90 13.94
N PHE A 379 0.63 7.80 14.06
CA PHE A 379 1.55 8.55 13.21
C PHE A 379 1.69 7.87 11.86
N SER A 380 1.62 8.68 10.80
CA SER A 380 1.70 8.18 9.44
C SER A 380 2.28 9.28 8.59
N LYS A 381 3.26 8.94 7.77
CA LYS A 381 4.03 9.93 7.03
C LYS A 381 4.21 9.43 5.60
N VAL A 382 3.64 10.15 4.65
CA VAL A 382 3.76 9.79 3.25
C VAL A 382 4.08 11.04 2.44
N PRO A 383 5.10 11.01 1.59
CA PRO A 383 5.32 12.13 0.67
C PRO A 383 4.22 12.28 -0.36
N LEU A 384 3.87 13.53 -0.63
CA LEU A 384 2.97 13.90 -1.71
C LEU A 384 3.78 14.72 -2.69
N PHE A 385 3.87 14.23 -3.92
CA PHE A 385 4.62 14.91 -4.97
C PHE A 385 3.77 15.99 -5.64
N THR A 386 4.11 17.24 -5.36
CA THR A 386 3.38 18.39 -5.87
C THR A 386 3.85 18.81 -7.25
N GLY A 387 4.97 18.28 -7.71
CA GLY A 387 5.53 18.66 -8.99
C GLY A 387 6.56 17.65 -9.42
N HIS A 388 7.15 17.92 -10.58
CA HIS A 388 8.02 16.94 -11.20
C HIS A 388 9.19 16.57 -10.30
N GLN A 389 9.66 17.52 -9.50
CA GLN A 389 10.80 17.29 -8.63
C GLN A 389 10.61 17.93 -7.26
N THR A 390 9.36 18.04 -6.79
CA THR A 390 9.07 18.64 -5.50
C THR A 390 8.08 17.77 -4.74
N LEU A 391 8.18 17.80 -3.42
CA LEU A 391 7.21 17.10 -2.60
C LEU A 391 7.01 17.80 -1.27
N THR A 392 5.95 17.38 -0.60
CA THR A 392 5.55 17.83 0.73
C THR A 392 5.11 16.59 1.50
N TYR A 393 5.40 16.56 2.79
CA TYR A 393 5.07 15.39 3.60
C TYR A 393 3.71 15.53 4.25
N VAL A 394 2.93 14.44 4.15
CA VAL A 394 1.65 14.31 4.85
C VAL A 394 1.93 13.57 6.16
N ALA A 395 2.23 14.33 7.20
CA ALA A 395 2.56 13.80 8.52
C ALA A 395 1.42 14.15 9.48
N HIS A 396 0.82 13.14 10.08
CA HIS A 396 -0.37 13.38 10.90
C HIS A 396 -0.60 12.22 11.83
N SER A 397 -1.11 12.54 13.01
CA SER A 397 -1.41 11.57 14.05
C SER A 397 -2.87 11.14 13.97
N TYR A 398 -3.35 10.48 15.02
CA TYR A 398 -4.65 9.83 14.98
C TYR A 398 -5.78 10.81 14.70
N GLY A 399 -5.71 12.00 15.26
CA GLY A 399 -6.80 12.94 15.13
C GLY A 399 -6.76 13.85 13.92
N GLY A 400 -6.09 13.40 12.87
CA GLY A 400 -5.80 14.26 11.75
C GLY A 400 -4.83 15.39 12.02
N VAL A 401 -4.26 15.46 13.21
CA VAL A 401 -3.43 16.59 13.60
C VAL A 401 -2.02 16.40 13.04
N GLY A 402 -1.56 17.39 12.30
CA GLY A 402 -0.26 17.30 11.66
C GLY A 402 0.86 17.88 12.51
N ASN A 403 2.04 17.31 12.33
CA ASN A 403 3.23 17.78 13.02
C ASN A 403 3.98 18.81 12.17
N TRP A 404 5.19 19.14 12.59
CA TRP A 404 5.92 20.28 12.06
C TRP A 404 6.14 20.22 10.56
N GLN A 405 5.94 19.06 9.92
CA GLN A 405 6.17 18.92 8.50
C GLN A 405 4.89 18.85 7.69
N HIS A 406 3.73 18.75 8.34
CA HIS A 406 2.48 18.67 7.61
C HIS A 406 2.38 19.81 6.62
N LEU A 407 2.39 19.48 5.34
CA LEU A 407 2.12 20.43 4.27
C LEU A 407 3.02 21.64 4.38
N LYS A 408 4.32 21.38 4.47
CA LYS A 408 5.35 22.40 4.44
C LYS A 408 6.00 22.41 3.06
N HIS A 409 6.56 23.57 2.71
CA HIS A 409 7.14 23.81 1.39
C HIS A 409 6.26 23.23 0.29
N ASN A 410 4.95 23.40 0.43
CA ASN A 410 4.02 22.75 -0.48
C ASN A 410 4.01 23.35 -1.88
N ASN A 411 4.41 24.60 -2.03
CA ASN A 411 4.34 25.28 -3.32
C ASN A 411 5.63 25.17 -4.12
N GLY A 412 6.51 24.27 -3.74
CA GLY A 412 7.78 24.13 -4.40
C GLY A 412 8.83 25.04 -3.81
N GLY A 413 10.04 24.89 -4.33
CA GLY A 413 11.16 25.68 -3.91
C GLY A 413 12.41 24.86 -3.69
N ILE A 414 13.49 25.52 -3.27
CA ILE A 414 14.75 24.81 -3.04
C ILE A 414 14.63 23.81 -1.91
N LEU A 415 13.79 24.10 -0.91
CA LEU A 415 13.64 23.16 0.20
C LEU A 415 12.93 21.89 -0.22
N ALA A 416 11.86 22.02 -0.99
CA ALA A 416 11.14 20.84 -1.45
C ALA A 416 11.93 20.09 -2.52
N TRP A 417 12.77 20.78 -3.27
CA TRP A 417 13.57 20.11 -4.28
C TRP A 417 14.49 19.09 -3.63
N MET A 418 15.21 19.49 -2.58
CA MET A 418 16.16 18.58 -1.94
C MET A 418 15.44 17.37 -1.35
N ARG A 419 14.40 17.61 -0.56
CA ARG A 419 13.65 16.50 0.01
C ARG A 419 13.13 15.55 -1.06
N TYR A 420 12.94 16.03 -2.29
CA TYR A 420 12.52 15.15 -3.35
C TYR A 420 13.65 14.20 -3.71
N ARG A 421 14.87 14.72 -3.82
CA ARG A 421 16.02 13.91 -4.17
C ARG A 421 16.35 12.93 -3.05
N SER A 422 16.15 13.32 -1.80
CA SER A 422 16.46 12.43 -0.69
C SER A 422 15.53 11.23 -0.66
N TRP A 423 14.40 11.29 -1.36
CA TRP A 423 13.43 10.21 -1.38
C TRP A 423 13.50 9.42 -2.67
N ALA A 424 13.80 10.10 -3.77
CA ALA A 424 13.85 9.45 -5.07
C ALA A 424 15.18 8.76 -5.30
N LYS A 425 16.28 9.42 -4.97
CA LYS A 425 17.60 8.87 -5.15
C LYS A 425 18.11 8.09 -3.95
N GLY A 426 17.39 8.09 -2.83
CA GLY A 426 17.98 7.62 -1.60
C GLY A 426 17.11 6.75 -0.73
N MET A 427 15.88 6.46 -1.16
CA MET A 427 15.02 5.60 -0.35
C MET A 427 15.00 4.16 -0.83
N ALA A 428 15.03 3.93 -2.13
CA ALA A 428 15.00 2.55 -2.61
C ALA A 428 16.27 1.81 -2.23
N LYS A 429 17.37 2.53 -2.05
CA LYS A 429 18.63 1.96 -1.58
C LYS A 429 18.57 1.55 -0.13
N LYS A 430 17.51 1.93 0.59
CA LYS A 430 17.34 1.61 1.99
C LYS A 430 16.45 0.40 2.24
N PHE A 431 15.49 0.15 1.36
CA PHE A 431 14.58 -0.96 1.56
C PHE A 431 15.28 -2.31 1.51
N GLN A 432 16.54 -2.35 1.07
CA GLN A 432 17.31 -3.59 1.17
C GLN A 432 17.72 -3.82 2.62
N ASP A 433 18.14 -2.76 3.30
CA ASP A 433 18.55 -2.88 4.69
C ASP A 433 17.36 -3.25 5.57
N PHE A 434 16.23 -2.58 5.38
CA PHE A 434 15.06 -2.85 6.19
C PHE A 434 14.76 -4.34 6.21
N TYR A 435 14.79 -4.98 5.05
CA TYR A 435 14.51 -6.41 5.01
C TYR A 435 15.71 -7.24 5.45
N ASN A 436 16.92 -6.76 5.22
CA ASN A 436 18.09 -7.37 5.84
C ASN A 436 17.91 -7.33 7.36
N GLY A 437 17.90 -6.12 7.90
CA GLY A 437 17.94 -5.91 9.33
C GLY A 437 19.00 -4.88 9.68
N ALA A 438 19.82 -4.52 8.70
CA ALA A 438 20.97 -3.67 8.96
C ALA A 438 20.52 -2.27 9.35
N ARG A 439 19.44 -1.78 8.76
CA ARG A 439 18.84 -0.51 9.15
C ARG A 439 17.45 -0.80 9.70
N LEU A 440 17.20 -0.36 10.92
CA LEU A 440 15.94 -0.56 11.58
C LEU A 440 15.08 0.69 11.35
N GLY A 441 14.04 0.88 12.15
CA GLY A 441 13.09 1.94 11.90
C GLY A 441 13.76 3.30 11.89
N PRO A 442 12.96 4.36 11.82
CA PRO A 442 13.52 5.69 11.65
C PRO A 442 14.39 6.08 12.83
N PRO A 443 13.91 5.88 14.08
CA PRO A 443 14.69 6.35 15.22
C PRO A 443 15.53 5.25 15.87
PA NAD B . 0.92 -6.03 1.80
O1A NAD B . 2.37 -5.70 1.91
O2A NAD B . 0.13 -5.38 0.69
O5B NAD B . 0.71 -7.68 1.69
C5B NAD B . 0.60 -8.39 2.92
C4B NAD B . 1.40 -9.74 2.98
O4B NAD B . 0.41 -10.89 3.52
C3B NAD B . 1.81 -10.13 1.83
O3B NAD B . 3.02 -10.99 1.99
C2B NAD B . 0.65 -11.00 1.30
O2B NAD B . 1.12 -11.88 0.38
C1B NAD B . 0.22 -11.75 2.55
N9A NAD B . -1.17 -12.14 2.43
C8A NAD B . -2.30 -11.64 1.96
N7A NAD B . -3.26 -12.56 2.17
C5A NAD B . -2.69 -13.62 2.77
C6A NAD B . -3.24 -14.83 3.19
N6A NAD B . -4.61 -15.38 3.15
N1A NAD B . -2.46 -15.73 3.77
C2A NAD B . -1.13 -15.47 3.93
N3A NAD B . -0.59 -14.31 3.52
C4A NAD B . -1.40 -13.37 2.93
O3 NAD B . 0.20 -5.65 3.22
PN NAD B . 0.82 -4.51 4.31
O1N NAD B . -0.35 -3.94 5.14
O2N NAD B . 1.97 -5.12 5.06
O5D NAD B . 1.40 -3.33 3.36
C5D NAD B . 2.42 -2.54 3.87
C4D NAD B . 2.58 -1.28 3.03
O4D NAD B . 2.74 -1.69 1.48
C3D NAD B . 1.51 -0.53 3.07
O3D NAD B . 1.55 0.41 4.26
C2D NAD B . 1.58 0.24 1.80
O2D NAD B . 2.27 1.42 1.99
C1D NAD B . 2.37 -0.68 0.81
N1N NAD B . 1.46 -1.10 -0.29
C2N NAD B . 1.09 -0.19 -1.25
C3N NAD B . 0.24 -0.58 -2.29
C7N NAD B . -0.14 0.48 -3.37
O7N NAD B . -0.85 0.17 -4.28
N7N NAD B . 0.40 1.86 -3.25
C4N NAD B . -0.23 -1.85 -2.35
C5N NAD B . 0.14 -2.76 -1.39
C6N NAD B . 1.00 -2.37 -0.35
H51A NAD B . 0.92 -7.83 3.63
H52A NAD B . -0.33 -8.60 3.07
H4B NAD B . 2.16 -9.65 3.57
H3B NAD B . 2.00 -9.40 1.24
HO3A NAD B . 3.58 -10.78 1.39
H2B NAD B . -0.07 -10.46 0.97
HO2A NAD B . 1.87 -12.17 0.65
H1B NAD B . 0.79 -12.52 2.66
H8A NAD B . -2.40 -10.81 1.56
H61A NAD B . -5.27 -14.88 3.40
H62A NAD B . -4.74 -16.17 2.88
H2A NAD B . -0.60 -16.13 4.34
H51N NAD B . 2.21 -2.29 4.78
H52N NAD B . 3.24 -3.05 3.86
H4D NAD B . 3.34 -0.76 3.31
H3D NAD B . 0.71 -1.08 3.08
HO3N NAD B . 1.09 1.10 4.08
H2D NAD B . 0.70 0.42 1.47
HO2N NAD B . 2.58 1.68 1.24
H1D NAD B . 3.14 -0.20 0.46
H2N NAD B . 1.41 0.67 -1.22
H71N NAD B . 0.19 2.45 -3.84
H72N NAD B . 0.91 2.06 -2.60
H4N NAD B . -0.79 -2.09 -3.04
H5N NAD B . -0.18 -3.63 -1.41
H6N NAD B . 1.23 -2.99 0.30
#